data_7AWG
#
_entry.id   7AWG
#
_cell.length_a   154.484
_cell.length_b   154.484
_cell.length_c   128.165
_cell.angle_alpha   90.000
_cell.angle_beta   90.000
_cell.angle_gamma   90.000
#
_symmetry.space_group_name_H-M   'I 4 2 2'
#
loop_
_entity.id
_entity.type
_entity.pdbx_description
1 polymer Cholinesterase
2 branched alpha-L-fucopyranose-(1-6)-2-acetamido-2-deoxy-beta-D-glucopyranose
3 branched 2-acetamido-2-deoxy-beta-D-glucopyranose-(1-4)-[alpha-L-fucopyranose-(1-6)]2-acetamido-2-deoxy-beta-D-glucopyranose
4 non-polymer 2-acetamido-2-deoxy-beta-D-glucopyranose
5 non-polymer 'DIMETHYL SULFOXIDE'
6 non-polymer ~{N}-(phenylmethyl)-2-[1-(phenylsulfonyl)indol-4-yl]oxy-ethanamine
7 non-polymer 'N-acetyl-alpha-neuraminic acid'
8 non-polymer 'SULFATE ION'
9 non-polymer '2-(N-MORPHOLINO)-ETHANESULFONIC ACID'
10 non-polymer GLYCEROL
11 water water
#
_entity_poly.entity_id   1
_entity_poly.type   'polypeptide(L)'
_entity_poly.pdbx_seq_one_letter_code
;EDDIIIATKNGKVRGMQLTVFGGTVTAFLGIPYAQPPLGRLRFKKPQSLTKWSDIWNATKYANSCCQNIDQSFPGFHGSE
MWNPNTDLSEDCLYLNVWIPAPKPKNATVLIWIYGGGFQTGTSSLHVYDGKFLARVERVIVVSMNYRVGALGFLALPGNP
EAPGNMGLFDQQLALQWVQKNIAAFGGNPKSVTLFGESAGAASVSLHLLSPGSHSLFTRAILQSGSFNAPWAVTSLYEAR
NRTLNLAKLTGCSRENETEIIKCLRNKDPQEILLNEAFVVPYGTPLSVNFGPTVDGDFLTDMPDILLELGQFKKTQILVG
VNKDEGTAFLVYGAPGFSKDNNSIITRKEFQEGLKIFFPGVSEFGKESILFHYTDWVDDQRPENYREALGDVVGDYNFIC
PALEFTKKFSEWGNNAFFYYFEHRSSKLPWPEWMGVMHGYEIEFVFGLPLERRDQYTKAEEILSRSIVKRWANFAKYGNP
QETQNQSTSWPVFKSTEQKYLTLNTESTRIMTKLRAQQCRFWTSFFPKV
;
_entity_poly.pdbx_strand_id   A
#
loop_
_chem_comp.id
_chem_comp.type
_chem_comp.name
_chem_comp.formula
DMS non-polymer 'DIMETHYL SULFOXIDE' 'C2 H6 O S'
FUC L-saccharide, alpha linking alpha-L-fucopyranose 'C6 H12 O5'
GOL non-polymer GLYCEROL 'C3 H8 O3'
MES non-polymer '2-(N-MORPHOLINO)-ETHANESULFONIC ACID' 'C6 H13 N O4 S'
NAG D-saccharide, beta linking 2-acetamido-2-deoxy-beta-D-glucopyranose 'C8 H15 N O6'
S6Q non-polymer ~{N}-(phenylmethyl)-2-[1-(phenylsulfonyl)indol-4-yl]oxy-ethanamine 'C23 H22 N2 O3 S'
SIA D-saccharide, alpha linking 'N-acetyl-alpha-neuraminic acid' 'C11 H19 N O9'
SO4 non-polymer 'SULFATE ION' 'O4 S -2'
#
# COMPACT_ATOMS: atom_id res chain seq x y z
N ILE A 4 31.17 -1.80 7.35
CA ILE A 4 30.94 -2.84 6.35
C ILE A 4 30.67 -2.20 4.99
N ILE A 5 31.49 -2.56 4.01
CA ILE A 5 31.43 -2.03 2.65
C ILE A 5 31.07 -3.18 1.72
N ILE A 6 30.11 -2.96 0.82
CA ILE A 6 29.63 -3.98 -0.11
C ILE A 6 29.82 -3.47 -1.53
N ALA A 7 30.33 -4.33 -2.41
CA ALA A 7 30.53 -4.00 -3.82
C ALA A 7 29.29 -4.39 -4.62
N THR A 8 28.58 -3.40 -5.14
CA THR A 8 27.42 -3.63 -6.01
C THR A 8 27.84 -3.52 -7.48
N LYS A 9 26.88 -3.75 -8.38
CA LYS A 9 27.20 -3.69 -9.82
C LYS A 9 27.61 -2.28 -10.25
N ASN A 10 27.08 -1.25 -9.60
CA ASN A 10 27.37 0.13 -9.98
C ASN A 10 28.35 0.84 -9.07
N GLY A 11 28.86 0.17 -8.05
CA GLY A 11 29.86 0.79 -7.20
C GLY A 11 29.75 0.30 -5.77
N LYS A 12 30.72 0.71 -4.96
CA LYS A 12 30.77 0.34 -3.56
C LYS A 12 29.84 1.21 -2.73
N VAL A 13 29.16 0.59 -1.76
CA VAL A 13 28.35 1.31 -0.80
C VAL A 13 28.82 0.94 0.61
N ARG A 14 28.77 1.91 1.51
CA ARG A 14 29.11 1.72 2.91
C ARG A 14 27.84 1.85 3.74
N GLY A 15 27.63 0.90 4.66
CA GLY A 15 26.50 0.93 5.55
C GLY A 15 26.87 1.34 6.97
N MET A 16 25.94 1.09 7.89
CA MET A 16 26.13 1.43 9.29
C MET A 16 25.60 0.29 10.16
N GLN A 17 26.24 0.10 11.31
CA GLN A 17 25.82 -0.94 12.26
C GLN A 17 24.79 -0.39 13.21
N LEU A 18 23.76 -1.18 13.46
CA LEU A 18 22.67 -0.86 14.37
C LEU A 18 22.63 -1.90 15.48
N THR A 19 22.40 -1.46 16.70
CA THR A 19 22.18 -2.39 17.80
C THR A 19 20.69 -2.64 17.92
N VAL A 20 20.29 -3.92 17.85
CA VAL A 20 18.89 -4.31 17.91
C VAL A 20 18.78 -5.57 18.77
N PHE A 21 18.11 -5.46 19.93
CA PHE A 21 17.83 -6.60 20.78
C PHE A 21 19.10 -7.38 21.14
N GLY A 22 20.14 -6.63 21.53
CA GLY A 22 21.36 -7.28 21.97
C GLY A 22 22.13 -7.94 20.85
N GLY A 23 21.82 -7.58 19.61
CA GLY A 23 22.52 -8.11 18.46
C GLY A 23 22.84 -6.97 17.51
N THR A 24 23.18 -7.26 16.27
CA THR A 24 23.54 -6.23 15.31
C THR A 24 22.78 -6.44 14.02
N VAL A 25 22.38 -5.32 13.41
CA VAL A 25 21.86 -5.28 12.06
C VAL A 25 22.70 -4.27 11.27
N THR A 26 22.99 -4.59 10.01
CA THR A 26 23.67 -3.67 9.12
C THR A 26 22.62 -3.03 8.21
N ALA A 27 22.58 -1.70 8.20
CA ALA A 27 21.63 -0.93 7.41
C ALA A 27 22.38 -0.16 6.34
N PHE A 28 21.86 -0.22 5.11
CA PHE A 28 22.32 0.60 3.99
C PHE A 28 21.09 1.42 3.58
N LEU A 29 21.08 2.67 4.00
CA LEU A 29 19.95 3.57 3.79
C LEU A 29 20.26 4.53 2.65
N GLY A 30 19.35 4.62 1.69
CA GLY A 30 19.52 5.56 0.59
C GLY A 30 20.52 5.19 -0.47
N ILE A 31 20.48 3.95 -0.96
CA ILE A 31 21.25 3.56 -2.16
C ILE A 31 20.49 4.03 -3.40
N PRO A 32 21.12 4.73 -4.34
CA PRO A 32 20.39 5.09 -5.57
C PRO A 32 20.16 3.86 -6.44
N TYR A 33 18.98 3.77 -7.03
CA TYR A 33 18.74 2.68 -7.97
C TYR A 33 18.36 3.15 -9.36
N ALA A 34 18.35 4.46 -9.62
CA ALA A 34 18.02 4.98 -10.94
C ALA A 34 18.63 6.37 -11.12
N GLN A 35 18.72 6.82 -12.37
CA GLN A 35 19.05 8.21 -12.62
C GLN A 35 18.00 9.10 -11.99
N PRO A 36 18.38 10.17 -11.28
CA PRO A 36 17.38 11.10 -10.74
C PRO A 36 16.47 11.61 -11.86
N PRO A 37 15.17 11.52 -11.68
CA PRO A 37 14.25 11.84 -12.81
C PRO A 37 13.94 13.33 -12.93
N LEU A 38 14.98 14.12 -13.22
CA LEU A 38 14.93 15.57 -13.26
C LEU A 38 15.02 16.11 -14.67
N GLY A 39 14.57 17.36 -14.85
CA GLY A 39 14.70 18.04 -16.13
C GLY A 39 13.89 17.33 -17.20
N ARG A 40 14.54 16.95 -18.29
CA ARG A 40 13.88 16.24 -19.38
C ARG A 40 13.42 14.84 -18.96
N LEU A 41 13.88 14.32 -17.83
CA LEU A 41 13.50 13.00 -17.37
C LEU A 41 12.25 13.00 -16.49
N ARG A 42 11.77 14.18 -16.08
CA ARG A 42 10.52 14.24 -15.32
C ARG A 42 9.39 13.67 -16.16
N PHE A 43 8.55 12.83 -15.53
CA PHE A 43 7.40 12.15 -16.11
C PHE A 43 7.81 10.94 -16.96
N LYS A 44 9.10 10.69 -17.19
CA LYS A 44 9.51 9.54 -17.98
C LYS A 44 9.74 8.33 -17.09
N LYS A 45 9.78 7.16 -17.73
CA LYS A 45 10.17 5.94 -17.06
C LYS A 45 11.57 6.13 -16.48
N PRO A 46 11.88 5.48 -15.36
CA PRO A 46 13.19 5.68 -14.73
C PRO A 46 14.29 5.09 -15.59
N GLN A 47 15.42 5.79 -15.65
CA GLN A 47 16.56 5.36 -16.46
C GLN A 47 17.62 4.70 -15.57
N SER A 48 18.39 3.80 -16.17
CA SER A 48 19.36 3.03 -15.40
C SER A 48 20.49 3.91 -14.90
N LEU A 49 21.13 3.44 -13.83
CA LEU A 49 22.19 4.15 -13.17
C LEU A 49 23.54 3.83 -13.80
N THR A 50 24.37 4.86 -13.97
CA THR A 50 25.76 4.66 -14.35
C THR A 50 26.62 4.53 -13.10
N LYS A 51 27.74 3.83 -13.26
CA LYS A 51 28.61 3.50 -12.13
C LYS A 51 29.14 4.77 -11.44
N TRP A 52 29.58 4.59 -10.19
CA TRP A 52 30.36 5.58 -9.47
C TRP A 52 31.62 4.90 -8.96
N SER A 53 32.71 5.67 -8.84
CA SER A 53 34.02 5.09 -8.56
C SER A 53 34.41 5.12 -7.09
N ASP A 54 33.82 6.00 -6.28
CA ASP A 54 34.15 6.09 -4.87
C ASP A 54 33.27 5.13 -4.08
N ILE A 55 33.22 5.31 -2.76
CA ILE A 55 32.27 4.58 -1.92
C ILE A 55 31.07 5.48 -1.67
N TRP A 56 29.88 4.96 -1.96
CA TRP A 56 28.65 5.69 -1.69
C TRP A 56 28.25 5.45 -0.24
N ASN A 57 28.05 6.52 0.50
CA ASN A 57 27.74 6.41 1.93
C ASN A 57 26.24 6.26 2.08
N ALA A 58 25.79 5.03 2.37
CA ALA A 58 24.36 4.75 2.54
C ALA A 58 24.05 4.69 4.04
N THR A 59 24.15 5.86 4.66
CA THR A 59 24.12 5.96 6.12
C THR A 59 23.00 6.84 6.61
N LYS A 60 22.12 7.30 5.73
CA LYS A 60 20.94 8.05 6.15
C LYS A 60 19.86 7.86 5.08
N TYR A 61 18.62 7.87 5.52
CA TYR A 61 17.50 7.82 4.59
C TYR A 61 17.62 8.94 3.55
N ALA A 62 17.24 8.65 2.32
CA ALA A 62 17.33 9.64 1.27
C ALA A 62 16.10 10.54 1.24
N ASN A 63 16.12 11.54 0.36
CA ASN A 63 14.94 12.37 0.10
C ASN A 63 13.70 11.53 -0.19
N SER A 64 12.55 11.97 0.31
CA SER A 64 11.26 11.42 -0.11
C SER A 64 10.79 12.09 -1.41
N CYS A 65 9.95 11.39 -2.18
CA CYS A 65 9.49 11.98 -3.44
C CYS A 65 8.51 13.13 -3.18
N CYS A 66 8.46 14.10 -4.11
CA CYS A 66 7.54 15.23 -3.97
C CYS A 66 6.11 14.76 -3.77
N GLN A 67 5.41 15.42 -2.87
CA GLN A 67 4.06 14.98 -2.54
C GLN A 67 3.40 16.05 -1.71
N ASN A 68 2.08 16.17 -1.84
CA ASN A 68 1.31 16.94 -0.90
C ASN A 68 1.32 16.23 0.46
N ILE A 69 1.16 17.02 1.51
CA ILE A 69 1.27 16.57 2.90
C ILE A 69 -0.12 16.60 3.53
N ASP A 70 -0.37 15.67 4.46
CA ASP A 70 -1.60 15.74 5.24
C ASP A 70 -1.47 16.83 6.30
N GLN A 71 -2.21 17.94 6.12
CA GLN A 71 -2.21 19.06 7.04
C GLN A 71 -3.51 19.13 7.82
N SER A 72 -4.33 18.07 7.81
CA SER A 72 -5.65 18.19 8.42
C SER A 72 -5.61 18.21 9.94
N PHE A 73 -4.56 17.69 10.57
CA PHE A 73 -4.45 17.67 12.03
C PHE A 73 -3.05 18.03 12.45
N PRO A 74 -2.64 19.29 12.30
CA PRO A 74 -1.29 19.67 12.71
C PRO A 74 -1.03 19.33 14.18
N GLY A 75 0.14 18.76 14.44
CA GLY A 75 0.55 18.44 15.80
C GLY A 75 0.05 17.10 16.31
N PHE A 76 -0.78 16.41 15.55
CA PHE A 76 -1.42 15.16 15.97
C PHE A 76 -0.67 13.98 15.37
N HIS A 77 -0.17 13.11 16.26
CA HIS A 77 0.65 11.99 15.81
C HIS A 77 -0.10 11.02 14.91
N GLY A 78 -1.40 10.86 15.11
CA GLY A 78 -2.14 9.88 14.30
C GLY A 78 -2.09 10.20 12.82
N SER A 79 -2.05 11.48 12.46
CA SER A 79 -1.89 11.83 11.05
C SER A 79 -0.45 12.12 10.68
N GLU A 80 0.32 12.80 11.54
CA GLU A 80 1.65 13.20 11.12
C GLU A 80 2.63 12.03 11.04
N MET A 81 2.33 10.89 11.67
CA MET A 81 3.19 9.71 11.57
C MET A 81 3.27 9.17 10.14
N TRP A 82 2.30 9.51 9.29
CA TRP A 82 2.30 9.13 7.89
C TRP A 82 2.96 10.16 6.96
N ASN A 83 3.20 11.40 7.45
CA ASN A 83 3.81 12.39 6.59
C ASN A 83 5.31 12.12 6.41
N PRO A 84 5.90 12.60 5.31
CA PRO A 84 7.33 12.37 5.06
C PRO A 84 8.18 12.89 6.20
N ASN A 85 9.23 12.13 6.53
CA ASN A 85 10.21 12.54 7.54
C ASN A 85 11.61 12.77 6.95
N THR A 86 11.72 12.89 5.63
CA THR A 86 12.93 13.44 5.01
C THR A 86 12.50 14.49 4.00
N ASP A 87 13.44 15.36 3.63
CA ASP A 87 13.19 16.40 2.62
C ASP A 87 12.50 15.82 1.39
N LEU A 88 11.56 16.58 0.83
CA LEU A 88 10.96 16.24 -0.45
C LEU A 88 11.87 16.68 -1.59
N SER A 89 11.97 15.85 -2.62
CA SER A 89 12.78 16.22 -3.77
C SER A 89 12.38 15.34 -4.95
N GLU A 90 12.48 15.88 -6.16
CA GLU A 90 12.33 14.97 -7.31
C GLU A 90 13.46 13.95 -7.34
N ASP A 91 14.59 14.27 -6.71
CA ASP A 91 15.73 13.38 -6.63
C ASP A 91 15.48 12.44 -5.45
N CYS A 92 14.70 11.38 -5.71
CA CYS A 92 14.20 10.55 -4.62
C CYS A 92 14.20 9.05 -4.95
N LEU A 93 14.80 8.63 -6.07
CA LEU A 93 14.76 7.21 -6.43
C LEU A 93 15.90 6.49 -5.70
N TYR A 94 15.61 6.12 -4.46
CA TYR A 94 16.58 5.47 -3.58
C TYR A 94 15.87 4.31 -2.90
N LEU A 95 16.67 3.36 -2.44
CA LEU A 95 16.16 2.21 -1.69
C LEU A 95 17.02 1.98 -0.45
N ASN A 96 16.48 1.17 0.47
CA ASN A 96 17.13 0.81 1.73
C ASN A 96 17.24 -0.70 1.85
N VAL A 97 18.32 -1.15 2.51
CA VAL A 97 18.60 -2.58 2.70
C VAL A 97 18.99 -2.79 4.16
N TRP A 98 18.27 -3.66 4.86
CA TRP A 98 18.68 -4.12 6.18
C TRP A 98 19.09 -5.58 6.07
N ILE A 99 20.30 -5.89 6.57
CA ILE A 99 20.77 -7.27 6.55
C ILE A 99 21.18 -7.71 7.95
N PRO A 100 20.94 -8.98 8.27
CA PRO A 100 21.41 -9.51 9.57
C PRO A 100 22.91 -9.41 9.69
N ALA A 101 23.38 -9.33 10.92
CA ALA A 101 24.77 -9.47 11.27
C ALA A 101 24.91 -10.68 12.18
N PRO A 102 25.85 -11.59 11.92
CA PRO A 102 26.78 -11.55 10.78
C PRO A 102 26.07 -11.76 9.44
N LYS A 103 26.72 -11.31 8.36
CA LYS A 103 26.15 -11.36 7.02
C LYS A 103 25.54 -12.73 6.74
N PRO A 104 24.30 -12.80 6.25
CA PRO A 104 23.69 -14.10 5.99
C PRO A 104 24.29 -14.77 4.76
N LYS A 105 24.01 -16.07 4.61
CA LYS A 105 24.60 -16.78 3.49
C LYS A 105 23.70 -16.81 2.26
N ASN A 106 22.40 -16.98 2.45
CA ASN A 106 21.44 -17.03 1.33
C ASN A 106 20.08 -16.64 1.84
N ALA A 107 19.96 -15.43 2.37
CA ALA A 107 18.77 -15.05 3.11
C ALA A 107 17.61 -14.75 2.17
N THR A 108 16.42 -15.15 2.59
CA THR A 108 15.19 -14.72 1.92
C THR A 108 15.07 -13.20 2.04
N VAL A 109 14.42 -12.58 1.03
CA VAL A 109 14.36 -11.13 0.92
C VAL A 109 12.89 -10.69 0.94
N LEU A 110 12.58 -9.72 1.79
N LEU A 110 12.60 -9.72 1.79
CA LEU A 110 11.25 -9.11 1.85
CA LEU A 110 11.30 -9.06 1.89
C LEU A 110 11.36 -7.66 1.35
C LEU A 110 11.44 -7.67 1.27
N ILE A 111 10.61 -7.36 0.28
CA ILE A 111 10.65 -6.03 -0.35
C ILE A 111 9.35 -5.32 -0.03
N TRP A 112 9.44 -4.24 0.74
CA TRP A 112 8.28 -3.45 1.15
C TRP A 112 7.95 -2.38 0.13
N ILE A 113 6.65 -2.25 -0.19
CA ILE A 113 6.15 -1.19 -1.05
C ILE A 113 5.11 -0.42 -0.26
N TYR A 114 5.42 0.85 0.09
CA TYR A 114 4.49 1.62 0.91
C TYR A 114 3.25 2.04 0.12
N GLY A 115 2.19 2.32 0.86
CA GLY A 115 0.98 2.90 0.32
C GLY A 115 0.87 4.39 0.62
N GLY A 116 -0.33 4.92 0.44
CA GLY A 116 -0.52 6.35 0.45
C GLY A 116 -1.35 6.85 -0.73
N GLY A 117 -2.26 5.99 -1.21
CA GLY A 117 -3.14 6.42 -2.30
C GLY A 117 -2.47 6.68 -3.63
N PHE A 118 -1.21 6.23 -3.82
CA PHE A 118 -0.41 6.59 -4.99
C PHE A 118 -0.11 8.10 -5.05
N GLN A 119 -0.54 8.88 -4.05
CA GLN A 119 -0.27 10.33 -4.03
C GLN A 119 0.76 10.72 -2.98
N THR A 120 1.05 9.83 -2.03
CA THR A 120 1.90 10.14 -0.88
C THR A 120 2.67 8.89 -0.50
N GLY A 121 3.57 9.07 0.47
CA GLY A 121 4.24 7.93 1.08
C GLY A 121 5.75 8.01 1.00
N THR A 122 6.42 7.28 1.88
CA THR A 122 7.88 7.22 1.81
C THR A 122 8.35 5.98 2.56
N SER A 123 9.52 5.47 2.15
CA SER A 123 10.00 4.25 2.79
C SER A 123 10.71 4.52 4.12
N SER A 124 10.94 5.78 4.48
CA SER A 124 11.70 6.11 5.68
C SER A 124 10.84 6.24 6.93
N LEU A 125 9.53 6.02 6.86
CA LEU A 125 8.69 6.12 8.04
C LEU A 125 9.14 5.13 9.12
N HIS A 126 8.93 5.55 10.37
CA HIS A 126 9.29 4.75 11.53
C HIS A 126 8.64 3.36 11.49
N VAL A 127 7.38 3.29 11.03
CA VAL A 127 6.64 2.02 11.07
C VAL A 127 7.05 1.08 9.94
N TYR A 128 7.93 1.50 9.04
CA TYR A 128 8.50 0.66 7.99
C TYR A 128 9.96 0.31 8.25
N ASP A 129 10.48 0.58 9.44
CA ASP A 129 11.88 0.28 9.77
C ASP A 129 12.10 -1.23 9.75
N GLY A 130 12.88 -1.72 8.79
CA GLY A 130 13.12 -3.14 8.61
C GLY A 130 14.14 -3.77 9.54
N LYS A 131 14.71 -3.02 10.49
CA LYS A 131 15.78 -3.58 11.31
C LYS A 131 15.29 -4.66 12.25
N PHE A 132 14.02 -4.62 12.66
CA PHE A 132 13.54 -5.66 13.59
C PHE A 132 13.36 -6.99 12.88
N LEU A 133 12.79 -6.97 11.67
CA LEU A 133 12.63 -8.21 10.89
C LEU A 133 13.98 -8.84 10.58
N ALA A 134 14.96 -8.03 10.19
CA ALA A 134 16.29 -8.56 9.90
C ALA A 134 16.88 -9.20 11.16
N ARG A 135 16.77 -8.51 12.30
CA ARG A 135 17.29 -9.02 13.56
C ARG A 135 16.60 -10.33 13.97
N VAL A 136 15.28 -10.35 13.95
CA VAL A 136 14.53 -11.42 14.58
C VAL A 136 14.43 -12.63 13.67
N GLU A 137 14.22 -12.43 12.37
CA GLU A 137 13.97 -13.56 11.47
C GLU A 137 15.13 -13.82 10.52
N ARG A 138 16.20 -13.00 10.57
CA ARG A 138 17.37 -13.16 9.70
C ARG A 138 16.97 -13.18 8.24
N VAL A 139 15.99 -12.36 7.89
CA VAL A 139 15.69 -12.07 6.49
C VAL A 139 16.36 -10.74 6.15
N ILE A 140 16.50 -10.48 4.85
CA ILE A 140 16.90 -9.18 4.37
C ILE A 140 15.64 -8.40 4.00
N VAL A 141 15.57 -7.14 4.43
CA VAL A 141 14.44 -6.26 4.12
C VAL A 141 14.92 -5.17 3.18
N VAL A 142 14.18 -4.96 2.09
CA VAL A 142 14.43 -3.89 1.14
C VAL A 142 13.18 -3.04 1.05
N SER A 143 13.36 -1.72 0.95
CA SER A 143 12.27 -0.80 0.65
C SER A 143 12.79 0.28 -0.27
N MET A 144 11.92 0.76 -1.17
CA MET A 144 12.26 1.81 -2.12
C MET A 144 11.29 2.99 -2.03
N ASN A 145 11.79 4.17 -2.37
CA ASN A 145 10.93 5.29 -2.73
C ASN A 145 10.60 5.22 -4.20
N TYR A 146 9.33 5.47 -4.53
CA TYR A 146 8.87 5.53 -5.91
C TYR A 146 8.03 6.79 -6.07
N ARG A 147 7.95 7.29 -7.30
CA ARG A 147 7.29 8.57 -7.55
C ARG A 147 5.78 8.43 -7.34
N VAL A 148 5.17 9.49 -6.82
CA VAL A 148 3.75 9.49 -6.48
C VAL A 148 3.09 10.75 -7.07
N GLY A 149 1.75 10.74 -7.10
CA GLY A 149 1.08 11.91 -7.64
C GLY A 149 1.25 12.02 -9.15
N ALA A 150 1.06 13.24 -9.65
CA ALA A 150 1.26 13.47 -11.08
C ALA A 150 2.67 13.12 -11.52
N LEU A 151 3.67 13.37 -10.66
CA LEU A 151 5.05 13.09 -11.05
C LEU A 151 5.31 11.60 -11.23
N GLY A 152 4.51 10.74 -10.60
CA GLY A 152 4.64 9.30 -10.74
C GLY A 152 3.62 8.68 -11.67
N PHE A 153 2.48 9.35 -11.89
CA PHE A 153 1.40 8.67 -12.61
C PHE A 153 0.71 9.53 -13.67
N LEU A 154 1.20 10.72 -13.99
CA LEU A 154 0.64 11.47 -15.10
C LEU A 154 0.67 10.62 -16.37
N ALA A 155 -0.42 10.65 -17.14
CA ALA A 155 -0.55 9.73 -18.26
C ALA A 155 -1.13 10.42 -19.49
N LEU A 156 -0.43 10.25 -20.61
CA LEU A 156 -1.02 10.30 -21.95
C LEU A 156 -0.60 8.99 -22.61
N PRO A 157 -1.50 8.01 -22.68
CA PRO A 157 -1.05 6.64 -23.00
C PRO A 157 -0.40 6.58 -24.38
N GLY A 158 0.68 5.80 -24.46
CA GLY A 158 1.45 5.66 -25.67
C GLY A 158 2.48 6.75 -25.92
N ASN A 159 2.48 7.83 -25.13
CA ASN A 159 3.43 8.91 -25.27
C ASN A 159 4.56 8.71 -24.27
N PRO A 160 5.78 8.37 -24.71
CA PRO A 160 6.86 8.05 -23.75
C PRO A 160 7.34 9.25 -22.95
N GLU A 161 6.91 10.47 -23.33
CA GLU A 161 7.19 11.64 -22.51
C GLU A 161 6.41 11.61 -21.20
N ALA A 162 5.27 10.95 -21.18
CA ALA A 162 4.45 10.83 -19.99
C ALA A 162 3.54 9.61 -20.18
N PRO A 163 4.09 8.39 -20.11
CA PRO A 163 3.31 7.21 -20.53
C PRO A 163 2.35 6.71 -19.46
N GLY A 164 2.41 7.24 -18.25
CA GLY A 164 1.71 6.63 -17.13
C GLY A 164 2.56 5.58 -16.42
N ASN A 165 2.16 5.28 -15.19
CA ASN A 165 2.69 4.17 -14.40
C ASN A 165 4.18 4.32 -14.08
N MET A 166 4.74 5.53 -14.15
CA MET A 166 6.16 5.71 -13.85
C MET A 166 6.52 5.26 -12.44
N GLY A 167 5.65 5.54 -11.47
CA GLY A 167 5.92 5.06 -10.11
C GLY A 167 5.95 3.54 -10.01
N LEU A 168 5.13 2.85 -10.81
CA LEU A 168 5.20 1.39 -10.83
C LEU A 168 6.49 0.91 -11.50
N PHE A 169 6.94 1.62 -12.56
CA PHE A 169 8.22 1.28 -13.14
C PHE A 169 9.39 1.62 -12.20
N ASP A 170 9.24 2.65 -11.36
CA ASP A 170 10.22 2.87 -10.30
C ASP A 170 10.35 1.64 -9.42
N GLN A 171 9.22 1.18 -8.85
CA GLN A 171 9.21 -0.03 -8.06
C GLN A 171 9.85 -1.19 -8.81
N GLN A 172 9.52 -1.35 -10.10
CA GLN A 172 10.03 -2.48 -10.86
C GLN A 172 11.54 -2.41 -11.02
N LEU A 173 12.07 -1.22 -11.29
CA LEU A 173 13.52 -1.06 -11.39
C LEU A 173 14.23 -1.38 -10.07
N ALA A 174 13.58 -1.08 -8.94
CA ALA A 174 14.14 -1.46 -7.64
C ALA A 174 14.14 -2.97 -7.47
N LEU A 175 13.07 -3.65 -7.93
CA LEU A 175 13.06 -5.12 -7.92
C LEU A 175 14.19 -5.67 -8.78
N GLN A 176 14.44 -5.04 -9.95
CA GLN A 176 15.57 -5.43 -10.78
C GLN A 176 16.89 -5.24 -10.04
N TRP A 177 17.03 -4.12 -9.32
CA TRP A 177 18.27 -3.88 -8.57
C TRP A 177 18.51 -5.00 -7.58
N VAL A 178 17.46 -5.46 -6.90
CA VAL A 178 17.61 -6.57 -5.95
C VAL A 178 18.04 -7.84 -6.67
N GLN A 179 17.46 -8.13 -7.83
CA GLN A 179 17.87 -9.32 -8.58
C GLN A 179 19.35 -9.26 -8.92
N LYS A 180 19.83 -8.09 -9.34
CA LYS A 180 21.21 -7.97 -9.79
C LYS A 180 22.21 -7.83 -8.64
N ASN A 181 21.78 -7.33 -7.47
CA ASN A 181 22.73 -6.94 -6.45
C ASN A 181 22.59 -7.64 -5.10
N ILE A 182 21.45 -8.24 -4.78
CA ILE A 182 21.24 -8.63 -3.38
C ILE A 182 22.11 -9.82 -2.94
N ALA A 183 22.60 -10.66 -3.88
CA ALA A 183 23.50 -11.73 -3.47
C ALA A 183 24.79 -11.17 -2.88
N ALA A 184 25.23 -9.99 -3.32
CA ALA A 184 26.42 -9.41 -2.72
C ALA A 184 26.19 -9.01 -1.25
N PHE A 185 24.93 -8.82 -0.85
CA PHE A 185 24.56 -8.54 0.53
C PHE A 185 24.23 -9.80 1.32
N GLY A 186 24.42 -10.98 0.72
CA GLY A 186 24.01 -12.22 1.36
C GLY A 186 22.58 -12.65 1.09
N GLY A 187 21.89 -12.02 0.15
CA GLY A 187 20.51 -12.35 -0.11
C GLY A 187 20.34 -13.38 -1.22
N ASN A 188 19.19 -14.05 -1.22
CA ASN A 188 18.83 -15.00 -2.25
C ASN A 188 17.89 -14.37 -3.28
N PRO A 189 18.37 -14.00 -4.47
CA PRO A 189 17.47 -13.39 -5.47
C PRO A 189 16.37 -14.33 -5.93
N LYS A 190 16.51 -15.64 -5.67
CA LYS A 190 15.48 -16.61 -6.01
C LYS A 190 14.42 -16.75 -4.91
N SER A 191 14.55 -16.03 -3.79
CA SER A 191 13.57 -16.07 -2.69
C SER A 191 13.25 -14.64 -2.30
N VAL A 192 12.39 -13.99 -3.08
CA VAL A 192 12.02 -12.60 -2.86
C VAL A 192 10.51 -12.53 -2.69
N THR A 193 10.07 -12.00 -1.57
CA THR A 193 8.65 -11.80 -1.34
C THR A 193 8.37 -10.29 -1.32
N LEU A 194 7.41 -9.87 -2.15
CA LEU A 194 6.92 -8.48 -2.08
C LEU A 194 5.86 -8.39 -0.99
N PHE A 195 5.89 -7.30 -0.22
CA PHE A 195 4.79 -7.02 0.69
C PHE A 195 4.56 -5.51 0.72
N GLY A 196 3.30 -5.14 0.91
CA GLY A 196 2.94 -3.74 0.89
C GLY A 196 1.55 -3.58 1.47
N GLU A 197 1.18 -2.33 1.72
CA GLU A 197 -0.10 -2.03 2.36
C GLU A 197 -0.80 -0.92 1.58
N SER A 198 -2.13 -1.00 1.56
CA SER A 198 -2.95 -0.02 0.86
CA SER A 198 -2.98 -0.04 0.86
C SER A 198 -2.51 0.13 -0.60
N ALA A 199 -2.11 1.32 -1.03
CA ALA A 199 -1.67 1.43 -2.42
C ALA A 199 -0.40 0.63 -2.68
N GLY A 200 0.38 0.35 -1.64
CA GLY A 200 1.49 -0.59 -1.81
C GLY A 200 1.01 -2.01 -2.08
N ALA A 201 -0.10 -2.40 -1.45
CA ALA A 201 -0.66 -3.73 -1.72
C ALA A 201 -1.28 -3.79 -3.11
N ALA A 202 -1.94 -2.70 -3.52
CA ALA A 202 -2.43 -2.61 -4.89
C ALA A 202 -1.27 -2.73 -5.87
N SER A 203 -0.16 -2.07 -5.56
CA SER A 203 1.06 -2.18 -6.37
C SER A 203 1.54 -3.63 -6.46
N VAL A 204 1.64 -4.31 -5.31
CA VAL A 204 2.05 -5.72 -5.30
C VAL A 204 1.15 -6.53 -6.22
N SER A 205 -0.17 -6.32 -6.12
CA SER A 205 -1.08 -7.09 -6.96
C SER A 205 -0.87 -6.79 -8.44
N LEU A 206 -0.47 -5.57 -8.78
CA LEU A 206 -0.20 -5.25 -10.17
C LEU A 206 1.12 -5.85 -10.65
N HIS A 207 2.10 -6.01 -9.76
CA HIS A 207 3.30 -6.77 -10.16
C HIS A 207 2.96 -8.23 -10.43
N LEU A 208 1.96 -8.79 -9.74
CA LEU A 208 1.52 -10.13 -10.09
C LEU A 208 0.96 -10.20 -11.50
N LEU A 209 0.44 -9.08 -12.02
CA LEU A 209 -0.16 -9.04 -13.35
C LEU A 209 0.82 -8.63 -14.45
N SER A 210 1.92 -7.98 -14.10
CA SER A 210 2.76 -7.35 -15.12
C SER A 210 3.81 -8.34 -15.60
N PRO A 211 3.84 -8.70 -16.88
CA PRO A 211 4.84 -9.67 -17.34
C PRO A 211 6.28 -9.26 -17.04
N GLY A 212 6.57 -7.96 -17.00
CA GLY A 212 7.94 -7.50 -16.76
C GLY A 212 8.38 -7.66 -15.30
N SER A 213 7.44 -7.88 -14.39
CA SER A 213 7.82 -8.13 -12.99
C SER A 213 7.89 -9.62 -12.66
N HIS A 214 7.53 -10.50 -13.58
CA HIS A 214 7.25 -11.88 -13.20
C HIS A 214 8.51 -12.60 -12.74
N SER A 215 9.64 -12.34 -13.38
CA SER A 215 10.91 -12.95 -13.01
C SER A 215 11.62 -12.23 -11.86
N LEU A 216 11.02 -11.17 -11.30
CA LEU A 216 11.68 -10.33 -10.31
C LEU A 216 11.24 -10.60 -8.88
N PHE A 217 10.34 -11.56 -8.66
CA PHE A 217 9.98 -11.91 -7.29
C PHE A 217 9.35 -13.30 -7.27
N THR A 218 9.20 -13.84 -6.06
CA THR A 218 8.72 -15.20 -5.84
C THR A 218 7.28 -15.28 -5.36
N ARG A 219 6.95 -14.52 -4.31
CA ARG A 219 5.67 -14.60 -3.62
C ARG A 219 5.22 -13.20 -3.26
N ALA A 220 4.00 -13.06 -2.74
CA ALA A 220 3.41 -11.73 -2.54
C ALA A 220 2.49 -11.70 -1.34
N ILE A 221 2.55 -10.59 -0.61
CA ILE A 221 1.72 -10.31 0.57
C ILE A 221 0.99 -9.00 0.33
N LEU A 222 -0.35 -9.02 0.48
CA LEU A 222 -1.20 -7.86 0.20
C LEU A 222 -1.95 -7.46 1.45
N GLN A 223 -1.51 -6.39 2.12
CA GLN A 223 -2.16 -5.88 3.32
C GLN A 223 -3.10 -4.73 2.97
N SER A 224 -4.41 -4.95 3.16
CA SER A 224 -5.43 -3.91 2.92
C SER A 224 -5.31 -3.22 1.56
N GLY A 225 -5.19 -4.01 0.50
CA GLY A 225 -5.32 -3.41 -0.82
C GLY A 225 -5.17 -4.45 -1.91
N SER A 226 -5.68 -4.09 -3.10
CA SER A 226 -5.56 -4.90 -4.30
C SER A 226 -6.02 -4.04 -5.47
N PHE A 227 -5.56 -4.37 -6.70
CA PHE A 227 -5.84 -3.49 -7.83
C PHE A 227 -7.34 -3.38 -8.12
N ASN A 228 -8.13 -4.41 -7.78
CA ASN A 228 -9.56 -4.33 -8.10
C ASN A 228 -10.33 -3.43 -7.14
N ALA A 229 -9.67 -2.85 -6.13
CA ALA A 229 -10.32 -1.86 -5.30
C ALA A 229 -10.74 -0.66 -6.16
N PRO A 230 -11.88 -0.04 -5.86
CA PRO A 230 -12.39 0.99 -6.78
C PRO A 230 -11.48 2.21 -6.93
N TRP A 231 -10.60 2.49 -5.96
CA TRP A 231 -9.67 3.62 -5.99
C TRP A 231 -8.35 3.31 -6.69
N ALA A 232 -8.08 2.07 -7.11
CA ALA A 232 -6.70 1.69 -7.41
C ALA A 232 -6.27 1.91 -8.86
N VAL A 233 -7.17 1.90 -9.82
CA VAL A 233 -6.79 2.05 -11.22
C VAL A 233 -7.60 3.17 -11.83
N THR A 234 -6.93 4.11 -12.49
CA THR A 234 -7.58 5.23 -13.16
C THR A 234 -7.93 4.86 -14.59
N SER A 235 -9.16 5.15 -15.02
CA SER A 235 -9.53 4.83 -16.39
C SER A 235 -8.80 5.76 -17.35
N LEU A 236 -8.68 5.31 -18.60
CA LEU A 236 -7.92 6.13 -19.54
C LEU A 236 -8.67 7.42 -19.85
N TYR A 237 -10.01 7.41 -19.70
CA TYR A 237 -10.79 8.62 -19.85
C TYR A 237 -10.57 9.58 -18.69
N GLU A 238 -10.65 9.08 -17.45
CA GLU A 238 -10.31 9.93 -16.30
C GLU A 238 -8.90 10.50 -16.47
N ALA A 239 -7.95 9.63 -16.83
CA ALA A 239 -6.55 10.04 -16.86
C ALA A 239 -6.30 11.15 -17.86
N ARG A 240 -6.94 11.08 -19.04
CA ARG A 240 -6.77 12.16 -20.01
C ARG A 240 -7.41 13.46 -19.52
N ASN A 241 -8.63 13.37 -18.98
CA ASN A 241 -9.29 14.57 -18.47
C ASN A 241 -8.45 15.22 -17.36
N ARG A 242 -7.77 14.40 -16.56
CA ARG A 242 -7.01 14.91 -15.42
C ARG A 242 -5.68 15.53 -15.86
N THR A 243 -4.96 14.85 -16.77
CA THR A 243 -3.79 15.46 -17.41
C THR A 243 -4.15 16.79 -18.08
N LEU A 244 -5.26 16.81 -18.80
CA LEU A 244 -5.68 18.03 -19.50
C LEU A 244 -6.06 19.12 -18.51
N ASN A 245 -6.74 18.75 -17.42
CA ASN A 245 -7.05 19.72 -16.38
C ASN A 245 -5.80 20.28 -15.74
N LEU A 246 -4.84 19.41 -15.41
CA LEU A 246 -3.57 19.90 -14.86
C LEU A 246 -2.91 20.89 -15.80
N ALA A 247 -2.88 20.60 -17.10
CA ALA A 247 -2.29 21.54 -18.05
C ALA A 247 -3.03 22.86 -18.05
N LYS A 248 -4.36 22.83 -18.05
CA LYS A 248 -5.11 24.08 -18.02
C LYS A 248 -4.77 24.88 -16.77
N LEU A 249 -4.69 24.20 -15.61
CA LEU A 249 -4.44 24.91 -14.36
C LEU A 249 -3.04 25.51 -14.28
N THR A 250 -2.08 24.94 -15.01
CA THR A 250 -0.70 25.42 -14.97
C THR A 250 -0.33 26.29 -16.17
N GLY A 251 -1.29 26.61 -17.03
CA GLY A 251 -0.97 27.41 -18.21
C GLY A 251 -0.29 26.64 -19.31
N CYS A 252 -0.42 25.31 -19.33
CA CYS A 252 0.33 24.44 -20.22
C CYS A 252 -0.53 23.81 -21.30
N SER A 253 -1.76 24.30 -21.49
CA SER A 253 -2.62 23.77 -22.55
C SER A 253 -2.00 24.07 -23.92
N ARG A 254 -1.89 23.03 -24.75
CA ARG A 254 -1.36 23.13 -26.10
C ARG A 254 -2.15 22.17 -26.98
N GLU A 255 -2.03 22.29 -28.30
CA GLU A 255 -2.60 21.25 -29.14
C GLU A 255 -1.62 20.10 -29.39
N ASN A 256 -0.32 20.35 -29.35
CA ASN A 256 0.68 19.29 -29.40
C ASN A 256 0.79 18.68 -28.00
N GLU A 257 0.32 17.44 -27.84
CA GLU A 257 0.32 16.84 -26.51
C GLU A 257 1.73 16.77 -25.94
N THR A 258 2.73 16.58 -26.80
CA THR A 258 4.11 16.55 -26.33
C THR A 258 4.52 17.93 -25.81
N GLU A 259 4.03 19.00 -26.45
CA GLU A 259 4.36 20.34 -25.98
C GLU A 259 3.68 20.65 -24.64
N ILE A 260 2.53 20.05 -24.35
CA ILE A 260 2.00 20.10 -22.99
C ILE A 260 3.05 19.59 -22.00
N ILE A 261 3.62 18.42 -22.29
CA ILE A 261 4.57 17.79 -21.37
C ILE A 261 5.81 18.64 -21.17
N LYS A 262 6.34 19.23 -22.26
CA LYS A 262 7.54 20.04 -22.10
C LYS A 262 7.22 21.28 -21.26
N CYS A 263 6.02 21.86 -21.44
CA CYS A 263 5.60 22.97 -20.60
C CYS A 263 5.47 22.52 -19.14
N LEU A 264 4.93 21.33 -18.91
CA LEU A 264 4.82 20.87 -17.53
C LEU A 264 6.20 20.59 -16.94
N ARG A 265 7.19 20.27 -17.78
CA ARG A 265 8.52 20.02 -17.28
C ARG A 265 9.26 21.29 -16.89
N ASN A 266 8.75 22.47 -17.26
CA ASN A 266 9.35 23.71 -16.80
C ASN A 266 8.73 24.25 -15.53
N LYS A 267 7.66 23.64 -15.02
CA LYS A 267 7.04 24.14 -13.80
C LYS A 267 7.82 23.65 -12.60
N ASP A 268 7.86 24.48 -11.55
CA ASP A 268 8.39 24.01 -10.27
C ASP A 268 7.51 22.88 -9.75
N PRO A 269 8.11 21.91 -9.06
CA PRO A 269 7.31 20.79 -8.53
C PRO A 269 6.13 21.26 -7.71
N GLN A 270 6.32 22.35 -6.95
CA GLN A 270 5.27 22.85 -6.07
C GLN A 270 4.05 23.35 -6.83
N GLU A 271 4.25 23.94 -8.03
CA GLU A 271 3.09 24.31 -8.84
C GLU A 271 2.31 23.09 -9.29
N ILE A 272 3.00 22.00 -9.62
CA ILE A 272 2.31 20.77 -10.00
C ILE A 272 1.55 20.20 -8.81
N LEU A 273 2.20 20.14 -7.64
CA LEU A 273 1.56 19.57 -6.46
C LEU A 273 0.32 20.37 -6.07
N LEU A 274 0.39 21.69 -6.12
CA LEU A 274 -0.72 22.54 -5.70
C LEU A 274 -1.97 22.30 -6.56
N ASN A 275 -1.77 22.04 -7.84
CA ASN A 275 -2.91 21.91 -8.74
C ASN A 275 -3.43 20.47 -8.85
N GLU A 276 -2.73 19.48 -8.27
CA GLU A 276 -3.20 18.09 -8.34
C GLU A 276 -4.58 17.93 -7.76
N ALA A 277 -4.86 18.58 -6.63
CA ALA A 277 -6.13 18.39 -5.94
C ALA A 277 -7.31 18.75 -6.85
N PHE A 278 -7.14 19.75 -7.70
CA PHE A 278 -8.24 20.32 -8.46
C PHE A 278 -8.51 19.65 -9.81
N VAL A 279 -7.68 18.68 -10.23
CA VAL A 279 -7.90 18.06 -11.54
C VAL A 279 -9.16 17.22 -11.54
N VAL A 280 -9.66 16.84 -10.37
CA VAL A 280 -10.94 16.16 -10.24
C VAL A 280 -11.97 17.20 -9.83
N PRO A 281 -13.12 17.27 -10.47
CA PRO A 281 -14.07 18.34 -10.12
C PRO A 281 -14.74 18.07 -8.78
N TYR A 282 -15.26 16.85 -8.62
CA TYR A 282 -15.96 16.42 -7.42
C TYR A 282 -15.38 15.05 -7.06
N GLY A 283 -14.34 15.05 -6.23
CA GLY A 283 -13.72 13.85 -5.75
C GLY A 283 -14.02 13.59 -4.27
N THR A 284 -13.52 12.47 -3.80
CA THR A 284 -13.77 12.02 -2.44
C THR A 284 -12.59 12.32 -1.55
N PRO A 285 -12.79 12.25 -0.21
N PRO A 285 -12.76 12.19 -0.23
CA PRO A 285 -11.67 12.32 0.74
CA PRO A 285 -11.58 12.09 0.65
C PRO A 285 -10.43 11.56 0.30
C PRO A 285 -10.53 11.12 0.12
N LEU A 286 -9.35 12.29 0.04
N LEU A 286 -10.97 9.97 -0.37
CA LEU A 286 -8.09 11.70 -0.41
CA LEU A 286 -10.10 8.94 -0.92
C LEU A 286 -8.30 10.97 -1.74
C LEU A 286 -9.69 9.25 -2.36
N SER A 287 -8.67 11.75 -2.77
N SER A 287 -9.22 10.46 -2.60
CA SER A 287 -8.89 11.14 -4.08
CA SER A 287 -8.95 10.94 -3.95
C SER A 287 -7.57 10.71 -4.70
C SER A 287 -7.59 10.46 -4.43
N VAL A 288 -7.61 9.58 -5.41
CA VAL A 288 -6.42 9.12 -6.12
C VAL A 288 -6.36 9.90 -7.43
N ASN A 289 -5.84 11.13 -7.35
CA ASN A 289 -5.87 12.03 -8.51
C ASN A 289 -5.08 11.44 -9.68
N PHE A 290 -3.89 10.92 -9.42
CA PHE A 290 -3.06 10.31 -10.46
C PHE A 290 -2.62 8.95 -9.98
N GLY A 291 -3.17 7.90 -10.61
CA GLY A 291 -2.86 6.55 -10.23
C GLY A 291 -2.53 5.67 -11.40
N PRO A 292 -2.40 4.37 -11.14
CA PRO A 292 -2.08 3.43 -12.23
C PRO A 292 -3.12 3.48 -13.33
N THR A 293 -2.65 3.30 -14.57
CA THR A 293 -3.52 3.24 -15.74
C THR A 293 -3.16 1.99 -16.56
N VAL A 294 -4.07 1.61 -17.45
CA VAL A 294 -3.77 0.61 -18.47
C VAL A 294 -2.93 1.31 -19.55
N ASP A 295 -1.62 1.15 -19.48
CA ASP A 295 -0.66 1.87 -20.31
C ASP A 295 -0.17 1.08 -21.51
N GLY A 296 -0.49 -0.21 -21.62
CA GLY A 296 0.06 -1.02 -22.69
C GLY A 296 1.51 -1.37 -22.53
N ASP A 297 2.07 -1.22 -21.33
CA ASP A 297 3.47 -1.50 -21.08
C ASP A 297 3.59 -2.31 -19.79
N PHE A 298 3.50 -1.61 -18.65
CA PHE A 298 3.38 -2.30 -17.36
C PHE A 298 2.10 -3.12 -17.30
N LEU A 299 0.99 -2.55 -17.77
CA LEU A 299 -0.34 -3.16 -17.75
C LEU A 299 -0.84 -3.30 -19.17
N THR A 300 -0.95 -4.55 -19.65
CA THR A 300 -1.28 -4.78 -21.05
C THR A 300 -2.78 -4.81 -21.33
N ASP A 301 -3.62 -4.79 -20.31
CA ASP A 301 -5.06 -4.92 -20.51
C ASP A 301 -5.72 -4.46 -19.22
N MET A 302 -7.03 -4.24 -19.27
CA MET A 302 -7.73 -3.94 -18.03
C MET A 302 -7.53 -5.06 -17.02
N PRO A 303 -7.07 -4.74 -15.82
CA PRO A 303 -6.67 -5.79 -14.87
C PRO A 303 -7.81 -6.70 -14.42
N ASP A 304 -9.06 -6.24 -14.43
CA ASP A 304 -10.16 -7.14 -14.13
C ASP A 304 -10.23 -8.29 -15.14
N ILE A 305 -9.94 -8.00 -16.41
CA ILE A 305 -9.93 -9.05 -17.43
C ILE A 305 -8.78 -10.03 -17.18
N LEU A 306 -7.59 -9.52 -16.89
CA LEU A 306 -6.43 -10.37 -16.62
C LEU A 306 -6.68 -11.27 -15.41
N LEU A 307 -7.26 -10.70 -14.35
CA LEU A 307 -7.58 -11.50 -13.16
C LEU A 307 -8.61 -12.57 -13.48
N GLU A 308 -9.69 -12.19 -14.17
CA GLU A 308 -10.76 -13.12 -14.47
C GLU A 308 -10.29 -14.27 -15.35
N LEU A 309 -9.37 -14.00 -16.29
CA LEU A 309 -8.96 -15.02 -17.24
C LEU A 309 -7.62 -15.67 -16.87
N GLY A 310 -7.18 -15.49 -15.62
CA GLY A 310 -6.05 -16.22 -15.09
C GLY A 310 -4.70 -15.78 -15.62
N GLN A 311 -4.57 -14.51 -16.03
CA GLN A 311 -3.34 -14.04 -16.67
C GLN A 311 -2.53 -13.31 -15.61
N PHE A 312 -1.84 -14.12 -14.79
CA PHE A 312 -1.01 -13.57 -13.73
C PHE A 312 -0.02 -14.64 -13.26
N LYS A 313 1.01 -14.17 -12.55
CA LYS A 313 2.05 -15.04 -12.01
C LYS A 313 1.42 -16.06 -11.06
N LYS A 314 1.73 -17.33 -11.28
CA LYS A 314 1.18 -18.40 -10.46
C LYS A 314 2.12 -18.60 -9.29
N THR A 315 1.68 -18.22 -8.10
CA THR A 315 2.50 -18.32 -6.90
C THR A 315 1.57 -18.25 -5.71
N GLN A 316 2.13 -18.32 -4.50
CA GLN A 316 1.32 -18.23 -3.29
C GLN A 316 1.10 -16.76 -2.94
N ILE A 317 -0.04 -16.46 -2.34
CA ILE A 317 -0.31 -15.12 -1.82
C ILE A 317 -0.84 -15.18 -0.40
N LEU A 318 -0.52 -14.11 0.33
CA LEU A 318 -1.04 -13.83 1.66
C LEU A 318 -1.76 -12.49 1.57
N VAL A 319 -3.06 -12.48 1.93
CA VAL A 319 -3.89 -11.30 1.77
C VAL A 319 -4.65 -11.09 3.07
N GLY A 320 -4.90 -9.82 3.42
CA GLY A 320 -5.77 -9.63 4.57
C GLY A 320 -6.21 -8.19 4.69
N VAL A 321 -7.07 -7.94 5.67
CA VAL A 321 -7.69 -6.63 5.89
C VAL A 321 -7.83 -6.44 7.39
N ASN A 322 -8.12 -5.21 7.76
CA ASN A 322 -8.33 -4.84 9.15
C ASN A 322 -9.82 -4.68 9.42
N LYS A 323 -10.18 -4.82 10.70
CA LYS A 323 -11.58 -4.83 11.09
C LYS A 323 -12.28 -3.52 10.73
N ASP A 324 -11.61 -2.38 10.89
CA ASP A 324 -12.27 -1.10 10.64
C ASP A 324 -11.57 -0.27 9.58
N GLU A 325 -11.37 -0.85 8.38
CA GLU A 325 -10.69 -0.14 7.29
C GLU A 325 -11.29 1.25 6.99
N GLY A 326 -12.61 1.41 7.11
CA GLY A 326 -13.23 2.63 6.61
C GLY A 326 -13.21 3.85 7.53
N THR A 327 -12.95 3.67 8.83
CA THR A 327 -13.22 4.76 9.78
C THR A 327 -12.28 5.94 9.58
N ALA A 328 -11.02 5.67 9.21
CA ALA A 328 -10.05 6.76 9.09
C ALA A 328 -10.50 7.84 8.12
N PHE A 329 -11.23 7.44 7.07
CA PHE A 329 -11.58 8.36 6.00
C PHE A 329 -12.74 9.25 6.39
N LEU A 330 -13.54 8.84 7.38
CA LEU A 330 -14.73 9.59 7.75
C LEU A 330 -14.38 10.97 8.29
N VAL A 331 -13.23 11.13 8.94
CA VAL A 331 -12.92 12.42 9.55
C VAL A 331 -12.20 13.34 8.55
N TYR A 332 -12.07 12.88 7.30
CA TYR A 332 -11.55 13.73 6.23
C TYR A 332 -12.66 14.25 5.32
N GLY A 333 -13.88 14.38 5.83
CA GLY A 333 -14.91 15.04 5.05
C GLY A 333 -16.34 14.68 5.36
N ALA A 334 -16.61 13.55 6.00
CA ALA A 334 -18.01 13.21 6.26
C ALA A 334 -18.60 14.17 7.31
N PRO A 335 -19.79 14.73 7.10
CA PRO A 335 -20.32 15.66 8.09
C PRO A 335 -20.70 14.94 9.37
N GLY A 336 -20.54 15.65 10.49
CA GLY A 336 -20.82 15.12 11.80
C GLY A 336 -19.67 14.35 12.41
N PHE A 337 -18.61 14.08 11.67
CA PHE A 337 -17.54 13.26 12.19
C PHE A 337 -16.43 14.15 12.74
N SER A 338 -15.73 13.63 13.75
CA SER A 338 -14.59 14.31 14.38
C SER A 338 -13.80 13.27 15.15
N LYS A 339 -12.48 13.31 15.02
CA LYS A 339 -11.69 12.45 15.89
C LYS A 339 -11.82 12.84 17.37
N ASP A 340 -12.36 14.03 17.68
CA ASP A 340 -12.34 14.56 19.04
C ASP A 340 -13.68 14.44 19.75
N ASN A 341 -14.65 13.75 19.16
CA ASN A 341 -15.88 13.39 19.85
C ASN A 341 -16.34 12.04 19.29
N ASN A 342 -17.45 11.53 19.83
CA ASN A 342 -17.83 10.17 19.47
C ASN A 342 -18.65 10.09 18.18
N SER A 343 -18.85 11.20 17.47
CA SER A 343 -19.29 11.20 16.07
C SER A 343 -20.61 10.45 15.88
N ILE A 344 -21.51 10.56 16.86
CA ILE A 344 -22.86 10.06 16.68
C ILE A 344 -23.53 10.90 15.58
N ILE A 345 -23.85 10.29 14.45
CA ILE A 345 -24.43 11.03 13.34
C ILE A 345 -25.88 10.59 13.13
N THR A 346 -26.63 11.45 12.45
CA THR A 346 -28.02 11.19 12.12
C THR A 346 -28.14 10.49 10.76
N ARG A 347 -29.37 10.04 10.48
CA ARG A 347 -29.69 9.50 9.16
C ARG A 347 -29.37 10.50 8.06
N LYS A 348 -29.77 11.76 8.26
CA LYS A 348 -29.47 12.80 7.28
C LYS A 348 -27.98 12.91 7.05
N GLU A 349 -27.18 12.86 8.13
CA GLU A 349 -25.74 12.97 8.01
C GLU A 349 -25.16 11.75 7.28
N PHE A 350 -25.69 10.56 7.59
CA PHE A 350 -25.29 9.37 6.86
C PHE A 350 -25.55 9.54 5.37
N GLN A 351 -26.73 10.05 4.99
CA GLN A 351 -27.05 10.25 3.59
C GLN A 351 -26.09 11.25 2.94
N GLU A 352 -25.77 12.34 3.63
CA GLU A 352 -24.79 13.28 3.11
C GLU A 352 -23.41 12.65 3.03
N GLY A 353 -23.08 11.77 3.98
CA GLY A 353 -21.79 11.08 3.91
C GLY A 353 -21.68 10.21 2.67
N LEU A 354 -22.76 9.53 2.29
CA LEU A 354 -22.75 8.76 1.05
C LEU A 354 -22.55 9.66 -0.17
N LYS A 355 -23.16 10.86 -0.16
CA LYS A 355 -22.92 11.80 -1.25
C LYS A 355 -21.45 12.12 -1.38
N ILE A 356 -20.75 12.27 -0.25
CA ILE A 356 -19.33 12.62 -0.26
C ILE A 356 -18.46 11.45 -0.72
N PHE A 357 -18.80 10.23 -0.31
CA PHE A 357 -17.97 9.09 -0.68
C PHE A 357 -18.37 8.44 -1.99
N PHE A 358 -19.53 8.78 -2.54
CA PHE A 358 -20.01 8.19 -3.80
C PHE A 358 -20.52 9.27 -4.73
N PRO A 359 -19.67 10.25 -5.06
CA PRO A 359 -20.09 11.30 -5.99
C PRO A 359 -20.26 10.70 -7.37
N GLY A 360 -21.21 11.25 -8.12
CA GLY A 360 -21.47 10.67 -9.42
C GLY A 360 -22.13 9.31 -9.41
N VAL A 361 -22.53 8.79 -8.25
CA VAL A 361 -23.38 7.60 -8.20
C VAL A 361 -24.84 8.08 -8.19
N SER A 362 -25.71 7.38 -8.92
CA SER A 362 -27.12 7.77 -9.00
C SER A 362 -27.78 7.80 -7.62
N GLU A 363 -28.89 8.54 -7.53
CA GLU A 363 -29.72 8.51 -6.32
C GLU A 363 -30.12 7.09 -5.95
N PHE A 364 -30.53 6.29 -6.94
CA PHE A 364 -30.89 4.89 -6.68
C PHE A 364 -29.71 4.11 -6.10
N GLY A 365 -28.52 4.30 -6.67
CA GLY A 365 -27.35 3.60 -6.14
C GLY A 365 -27.08 3.92 -4.68
N LYS A 366 -27.22 5.19 -4.31
CA LYS A 366 -26.98 5.57 -2.92
C LYS A 366 -28.08 5.04 -2.00
N GLU A 367 -29.33 5.06 -2.47
CA GLU A 367 -30.41 4.45 -1.71
C GLU A 367 -30.14 2.97 -1.48
N SER A 368 -29.55 2.28 -2.46
CA SER A 368 -29.32 0.84 -2.30
C SER A 368 -28.27 0.59 -1.23
N ILE A 369 -27.27 1.47 -1.11
CA ILE A 369 -26.31 1.36 0.00
C ILE A 369 -27.03 1.52 1.32
N LEU A 370 -27.84 2.56 1.43
CA LEU A 370 -28.59 2.81 2.66
C LEU A 370 -29.48 1.63 2.99
N PHE A 371 -30.16 1.09 1.98
CA PHE A 371 -31.04 -0.07 2.20
C PHE A 371 -30.28 -1.25 2.79
N HIS A 372 -29.09 -1.54 2.24
CA HIS A 372 -28.33 -2.71 2.65
CA HIS A 372 -28.40 -2.75 2.70
C HIS A 372 -27.65 -2.53 4.01
N TYR A 373 -27.33 -1.30 4.39
CA TYR A 373 -26.57 -1.08 5.61
C TYR A 373 -27.38 -0.53 6.78
N THR A 374 -28.69 -0.32 6.65
CA THR A 374 -29.41 0.32 7.75
C THR A 374 -30.61 -0.49 8.20
N ASP A 375 -30.56 -1.80 8.07
CA ASP A 375 -31.64 -2.64 8.59
C ASP A 375 -31.14 -3.17 9.93
N TRP A 376 -31.44 -2.42 11.00
CA TRP A 376 -30.75 -2.55 12.26
C TRP A 376 -31.23 -3.74 13.09
N VAL A 377 -30.33 -4.22 13.95
CA VAL A 377 -30.74 -5.09 15.05
C VAL A 377 -31.63 -4.33 16.02
N ASP A 378 -31.10 -3.24 16.59
CA ASP A 378 -31.88 -2.35 17.45
C ASP A 378 -31.72 -0.92 16.90
N ASP A 379 -32.84 -0.35 16.45
CA ASP A 379 -32.85 0.97 15.82
C ASP A 379 -32.70 2.12 16.81
N GLN A 380 -32.69 1.85 18.11
CA GLN A 380 -32.52 2.91 19.09
C GLN A 380 -31.05 3.15 19.45
N ARG A 381 -30.14 2.29 18.98
CA ARG A 381 -28.72 2.43 19.25
C ARG A 381 -28.16 3.70 18.62
N PRO A 382 -27.64 4.65 19.40
CA PRO A 382 -27.19 5.93 18.80
C PRO A 382 -26.07 5.77 17.79
N GLU A 383 -25.22 4.76 17.94
CA GLU A 383 -24.06 4.56 17.07
C GLU A 383 -24.40 3.93 15.74
N ASN A 384 -25.68 3.65 15.44
CA ASN A 384 -26.03 2.84 14.26
C ASN A 384 -25.46 3.44 12.98
N TYR A 385 -25.77 4.72 12.71
CA TYR A 385 -25.34 5.33 11.46
C TYR A 385 -23.83 5.57 11.42
N ARG A 386 -23.23 6.02 12.53
CA ARG A 386 -21.77 6.16 12.57
C ARG A 386 -21.07 4.87 12.13
N GLU A 387 -21.49 3.74 12.72
CA GLU A 387 -20.82 2.49 12.41
C GLU A 387 -21.15 2.00 11.00
N ALA A 388 -22.37 2.25 10.54
CA ALA A 388 -22.73 1.83 9.17
C ALA A 388 -21.88 2.55 8.13
N LEU A 389 -21.62 3.85 8.33
CA LEU A 389 -20.87 4.57 7.32
C LEU A 389 -19.43 4.08 7.25
N GLY A 390 -18.80 3.82 8.39
CA GLY A 390 -17.46 3.24 8.38
C GLY A 390 -17.41 1.91 7.66
N ASP A 391 -18.38 1.01 7.94
CA ASP A 391 -18.45 -0.29 7.27
C ASP A 391 -18.71 -0.16 5.78
N VAL A 392 -19.59 0.77 5.39
CA VAL A 392 -19.80 1.05 3.97
C VAL A 392 -18.47 1.35 3.30
N VAL A 393 -17.72 2.31 3.88
CA VAL A 393 -16.49 2.77 3.24
C VAL A 393 -15.42 1.67 3.25
N GLY A 394 -15.32 0.91 4.34
CA GLY A 394 -14.29 -0.11 4.41
C GLY A 394 -14.60 -1.32 3.54
N ASP A 395 -15.88 -1.73 3.48
CA ASP A 395 -16.24 -2.92 2.71
C ASP A 395 -16.09 -2.64 1.22
N TYR A 396 -16.57 -1.46 0.77
CA TYR A 396 -16.53 -1.11 -0.65
C TYR A 396 -15.09 -0.89 -1.12
N ASN A 397 -14.29 -0.17 -0.34
CA ASN A 397 -12.97 0.23 -0.79
C ASN A 397 -11.86 -0.78 -0.51
N PHE A 398 -12.02 -1.65 0.50
CA PHE A 398 -10.94 -2.54 0.90
C PHE A 398 -11.33 -4.00 1.07
N ILE A 399 -12.34 -4.30 1.89
CA ILE A 399 -12.53 -5.69 2.31
C ILE A 399 -13.10 -6.52 1.17
N CYS A 400 -14.21 -6.09 0.58
CA CYS A 400 -14.78 -6.86 -0.51
C CYS A 400 -13.84 -6.96 -1.71
N PRO A 401 -13.10 -5.91 -2.12
CA PRO A 401 -12.15 -6.14 -3.23
C PRO A 401 -11.04 -7.11 -2.87
N ALA A 402 -10.51 -7.08 -1.63
CA ALA A 402 -9.46 -8.02 -1.24
C ALA A 402 -9.98 -9.45 -1.27
N LEU A 403 -11.19 -9.67 -0.78
CA LEU A 403 -11.77 -11.01 -0.81
C LEU A 403 -12.02 -11.47 -2.24
N GLU A 404 -12.50 -10.57 -3.12
CA GLU A 404 -12.73 -10.97 -4.51
C GLU A 404 -11.41 -11.30 -5.19
N PHE A 405 -10.39 -10.48 -4.94
CA PHE A 405 -9.08 -10.76 -5.50
C PHE A 405 -8.60 -12.15 -5.08
N THR A 406 -8.72 -12.45 -3.77
CA THR A 406 -8.23 -13.72 -3.26
C THR A 406 -9.01 -14.90 -3.85
N LYS A 407 -10.33 -14.77 -3.96
CA LYS A 407 -11.14 -15.82 -4.59
C LYS A 407 -10.70 -16.07 -6.02
N LYS A 408 -10.61 -15.01 -6.82
CA LYS A 408 -10.31 -15.18 -8.24
C LYS A 408 -8.91 -15.71 -8.43
N PHE A 409 -7.96 -15.26 -7.61
CA PHE A 409 -6.58 -15.70 -7.74
C PHE A 409 -6.44 -17.18 -7.38
N SER A 410 -7.07 -17.60 -6.28
CA SER A 410 -7.00 -18.99 -5.86
C SER A 410 -7.74 -19.93 -6.80
N GLU A 411 -8.70 -19.45 -7.61
CA GLU A 411 -9.40 -20.34 -8.53
C GLU A 411 -8.48 -20.89 -9.61
N TRP A 412 -7.29 -20.33 -9.79
CA TRP A 412 -6.38 -20.83 -10.79
C TRP A 412 -5.33 -21.76 -10.19
N GLY A 413 -5.54 -22.22 -8.97
CA GLY A 413 -4.79 -23.35 -8.45
C GLY A 413 -3.81 -23.02 -7.37
N ASN A 414 -3.54 -21.76 -7.08
CA ASN A 414 -2.48 -21.52 -6.11
C ASN A 414 -3.01 -21.42 -4.68
N ASN A 415 -2.11 -21.71 -3.74
CA ASN A 415 -2.40 -21.53 -2.31
C ASN A 415 -2.50 -20.05 -1.98
N ALA A 416 -3.60 -19.68 -1.32
CA ALA A 416 -3.83 -18.35 -0.81
C ALA A 416 -4.21 -18.45 0.65
N PHE A 417 -3.77 -17.46 1.44
CA PHE A 417 -4.06 -17.40 2.87
C PHE A 417 -4.61 -16.01 3.18
N PHE A 418 -5.74 -15.96 3.88
CA PHE A 418 -6.43 -14.70 4.14
C PHE A 418 -6.53 -14.48 5.64
N TYR A 419 -6.24 -13.24 6.09
CA TYR A 419 -6.31 -12.88 7.51
C TYR A 419 -7.30 -11.73 7.73
N TYR A 420 -7.82 -11.66 8.95
CA TYR A 420 -8.67 -10.56 9.39
C TYR A 420 -8.07 -10.03 10.68
N PHE A 421 -7.43 -8.87 10.59
CA PHE A 421 -6.70 -8.30 11.72
C PHE A 421 -7.67 -7.47 12.56
N GLU A 422 -7.87 -7.86 13.80
CA GLU A 422 -8.88 -7.22 14.63
C GLU A 422 -8.33 -6.73 15.97
N HIS A 423 -7.04 -6.44 16.05
CA HIS A 423 -6.47 -5.91 17.29
C HIS A 423 -6.24 -4.41 17.17
N ARG A 424 -6.77 -3.65 18.13
CA ARG A 424 -6.56 -2.21 18.17
C ARG A 424 -5.36 -1.90 19.06
N SER A 425 -4.35 -1.27 18.49
CA SER A 425 -3.10 -1.05 19.20
C SER A 425 -3.35 -0.22 20.47
N SER A 426 -2.71 -0.62 21.58
CA SER A 426 -2.89 0.08 22.84
C SER A 426 -2.37 1.51 22.78
N LYS A 427 -1.54 1.85 21.81
CA LYS A 427 -0.99 3.19 21.72
C LYS A 427 -1.72 4.07 20.69
N LEU A 428 -2.78 3.58 20.08
CA LEU A 428 -3.30 4.23 18.89
C LEU A 428 -3.82 5.62 19.27
N PRO A 429 -3.33 6.69 18.62
CA PRO A 429 -3.70 8.03 19.07
C PRO A 429 -5.09 8.48 18.62
N TRP A 430 -5.71 7.76 17.69
CA TRP A 430 -7.05 8.07 17.21
C TRP A 430 -8.09 7.55 18.21
N PRO A 431 -9.33 8.07 18.19
CA PRO A 431 -10.29 7.72 19.24
C PRO A 431 -10.79 6.29 19.09
N GLU A 432 -11.45 5.83 20.16
CA GLU A 432 -11.88 4.43 20.24
C GLU A 432 -12.95 4.08 19.21
N TRP A 433 -13.83 5.03 18.87
CA TRP A 433 -14.88 4.68 17.91
C TRP A 433 -14.29 4.31 16.55
N MET A 434 -13.04 4.68 16.28
CA MET A 434 -12.49 4.34 14.97
C MET A 434 -11.92 2.93 14.92
N GLY A 435 -11.78 2.27 16.07
CA GLY A 435 -11.53 0.83 16.05
C GLY A 435 -10.17 0.48 15.50
N VAL A 436 -10.13 -0.60 14.70
CA VAL A 436 -8.91 -1.21 14.20
C VAL A 436 -8.66 -0.59 12.84
N MET A 437 -7.96 0.54 12.80
CA MET A 437 -8.06 1.29 11.56
C MET A 437 -7.06 0.87 10.49
N HIS A 438 -7.37 1.31 9.27
CA HIS A 438 -6.51 1.21 8.11
C HIS A 438 -5.10 1.66 8.46
N GLY A 439 -4.13 0.79 8.22
CA GLY A 439 -2.73 1.12 8.41
C GLY A 439 -2.14 0.68 9.73
N TYR A 440 -2.97 0.25 10.68
CA TYR A 440 -2.44 0.02 12.01
C TYR A 440 -2.19 -1.46 12.32
N GLU A 441 -2.09 -2.29 11.28
CA GLU A 441 -1.42 -3.59 11.42
C GLU A 441 0.06 -3.50 11.08
N ILE A 442 0.47 -2.44 10.39
CA ILE A 442 1.82 -2.36 9.82
C ILE A 442 2.87 -2.48 10.92
N GLU A 443 2.70 -1.72 12.02
CA GLU A 443 3.68 -1.75 13.08
C GLU A 443 3.80 -3.14 13.70
N PHE A 444 2.72 -3.94 13.66
CA PHE A 444 2.84 -5.32 14.16
C PHE A 444 3.61 -6.21 13.18
N VAL A 445 3.42 -5.99 11.88
CA VAL A 445 4.15 -6.76 10.86
C VAL A 445 5.65 -6.48 10.95
N PHE A 446 6.03 -5.22 11.19
CA PHE A 446 7.43 -4.86 11.24
C PHE A 446 8.05 -5.10 12.63
N GLY A 447 7.27 -5.57 13.61
CA GLY A 447 7.83 -6.01 14.88
C GLY A 447 8.12 -4.90 15.86
N LEU A 448 7.49 -3.73 15.69
CA LEU A 448 7.72 -2.64 16.62
C LEU A 448 7.34 -3.02 18.05
N PRO A 449 6.26 -3.76 18.30
CA PRO A 449 5.95 -4.17 19.68
C PRO A 449 6.96 -5.14 20.27
N LEU A 450 7.89 -5.66 19.48
CA LEU A 450 8.95 -6.50 20.06
C LEU A 450 9.90 -5.69 20.92
N GLU A 451 9.96 -4.37 20.74
CA GLU A 451 10.79 -3.49 21.56
C GLU A 451 10.03 -3.15 22.85
N ARG A 452 10.44 -3.76 23.95
CA ARG A 452 9.71 -3.62 25.22
C ARG A 452 9.76 -2.20 25.76
N ARG A 453 10.75 -1.40 25.35
CA ARG A 453 10.78 0.01 25.76
C ARG A 453 9.54 0.78 25.31
N ASP A 454 8.92 0.38 24.20
CA ASP A 454 8.04 1.25 23.43
C ASP A 454 6.56 1.17 23.85
N GLN A 455 6.27 0.88 25.12
CA GLN A 455 4.93 1.06 25.71
C GLN A 455 3.84 0.08 25.21
N TYR A 456 4.13 -0.84 24.30
CA TYR A 456 3.13 -1.85 23.96
C TYR A 456 2.98 -2.84 25.12
N THR A 457 1.86 -3.57 25.12
CA THR A 457 1.61 -4.54 26.17
C THR A 457 2.34 -5.84 25.87
N LYS A 458 2.38 -6.73 26.87
CA LYS A 458 2.93 -8.06 26.67
C LYS A 458 2.14 -8.83 25.62
N ALA A 459 0.81 -8.72 25.65
CA ALA A 459 0.00 -9.44 24.69
C ALA A 459 0.31 -8.97 23.26
N GLU A 460 0.64 -7.69 23.10
CA GLU A 460 0.96 -7.18 21.77
C GLU A 460 2.34 -7.61 21.31
N GLU A 461 3.30 -7.74 22.24
CA GLU A 461 4.59 -8.33 21.88
C GLU A 461 4.39 -9.75 21.35
N ILE A 462 3.58 -10.55 22.05
CA ILE A 462 3.34 -11.94 21.61
C ILE A 462 2.66 -11.97 20.25
N LEU A 463 1.64 -11.11 20.07
CA LEU A 463 0.94 -11.04 18.79
C LEU A 463 1.89 -10.65 17.66
N SER A 464 2.67 -9.58 17.86
CA SER A 464 3.63 -9.18 16.83
C SER A 464 4.64 -10.29 16.56
N ARG A 465 5.14 -10.95 17.62
CA ARG A 465 6.10 -12.02 17.41
C ARG A 465 5.52 -13.12 16.53
N SER A 466 4.26 -13.49 16.77
N SER A 466 4.25 -13.47 16.73
CA SER A 466 3.62 -14.53 15.95
CA SER A 466 3.63 -14.52 15.95
C SER A 466 3.43 -14.06 14.51
C SER A 466 3.40 -14.08 14.50
N ILE A 467 2.97 -12.82 14.32
CA ILE A 467 2.77 -12.30 12.96
C ILE A 467 4.10 -12.26 12.20
N VAL A 468 5.14 -11.73 12.86
CA VAL A 468 6.46 -11.70 12.25
C VAL A 468 6.91 -13.09 11.80
N LYS A 469 6.74 -14.09 12.67
CA LYS A 469 7.09 -15.47 12.28
C LYS A 469 6.24 -15.98 11.12
N ARG A 470 4.93 -15.72 11.15
CA ARG A 470 4.06 -16.18 10.05
C ARG A 470 4.45 -15.52 8.72
N TRP A 471 4.68 -14.21 8.72
CA TRP A 471 5.09 -13.54 7.49
C TRP A 471 6.42 -14.07 6.98
N ALA A 472 7.39 -14.27 7.88
CA ALA A 472 8.69 -14.77 7.47
C ALA A 472 8.60 -16.20 6.98
N ASN A 473 7.80 -17.04 7.64
CA ASN A 473 7.63 -18.40 7.13
C ASN A 473 6.95 -18.39 5.77
N PHE A 474 6.03 -17.45 5.54
CA PHE A 474 5.41 -17.35 4.22
C PHE A 474 6.45 -16.99 3.16
N ALA A 475 7.25 -15.94 3.42
CA ALA A 475 8.29 -15.55 2.48
C ALA A 475 9.28 -16.69 2.23
N LYS A 476 9.78 -17.32 3.30
CA LYS A 476 10.77 -18.38 3.15
C LYS A 476 10.17 -19.64 2.53
N TYR A 477 8.99 -20.04 2.99
CA TYR A 477 8.48 -21.38 2.67
C TYR A 477 7.11 -21.39 2.01
N GLY A 478 6.47 -20.24 1.78
CA GLY A 478 5.18 -20.26 1.13
C GLY A 478 4.02 -20.68 2.01
N ASN A 479 4.20 -20.69 3.33
CA ASN A 479 3.22 -21.28 4.23
C ASN A 479 3.27 -20.53 5.55
N PRO A 480 2.25 -19.66 5.88
CA PRO A 480 2.38 -18.71 6.98
C PRO A 480 2.02 -19.31 8.33
N GLN A 481 2.66 -20.42 8.67
CA GLN A 481 2.40 -21.12 9.91
C GLN A 481 3.37 -20.63 10.99
N GLU A 482 2.93 -20.79 12.23
CA GLU A 482 3.79 -20.73 13.40
C GLU A 482 3.77 -22.14 13.96
N THR A 483 4.86 -22.89 13.77
CA THR A 483 4.82 -24.33 13.98
C THR A 483 5.25 -24.78 15.38
N GLN A 484 5.76 -23.89 16.21
CA GLN A 484 6.43 -24.33 17.43
C GLN A 484 5.61 -24.15 18.70
N ASN A 485 4.63 -23.27 18.70
CA ASN A 485 4.02 -22.82 19.95
C ASN A 485 2.54 -23.18 20.02
N GLN A 486 2.18 -24.36 19.52
CA GLN A 486 0.81 -24.88 19.57
C GLN A 486 -0.18 -23.86 19.00
N SER A 487 0.19 -23.29 17.86
CA SER A 487 -0.56 -22.21 17.24
C SER A 487 -1.67 -22.78 16.36
N THR A 488 -2.72 -21.97 16.18
CA THR A 488 -3.75 -22.30 15.22
C THR A 488 -3.12 -22.43 13.84
N SER A 489 -3.41 -23.53 13.15
CA SER A 489 -2.92 -23.72 11.80
C SER A 489 -3.74 -22.87 10.83
N TRP A 490 -3.06 -22.18 9.91
CA TRP A 490 -3.70 -21.26 9.00
C TRP A 490 -4.10 -22.03 7.75
N PRO A 491 -5.39 -22.25 7.50
CA PRO A 491 -5.80 -23.04 6.33
C PRO A 491 -5.74 -22.22 5.07
N VAL A 492 -5.56 -22.93 3.96
CA VAL A 492 -5.67 -22.32 2.65
C VAL A 492 -7.08 -21.77 2.43
N PHE A 493 -7.15 -20.59 1.81
CA PHE A 493 -8.39 -19.97 1.34
C PHE A 493 -8.81 -20.55 0.00
N LYS A 494 -9.99 -21.17 -0.06
CA LYS A 494 -10.53 -21.73 -1.30
C LYS A 494 -11.86 -21.07 -1.59
N SER A 495 -12.19 -20.95 -2.87
CA SER A 495 -13.40 -20.21 -3.26
C SER A 495 -14.66 -20.87 -2.71
N THR A 496 -14.61 -22.16 -2.40
CA THR A 496 -15.76 -22.85 -1.81
C THR A 496 -15.96 -22.46 -0.35
N GLU A 497 -15.01 -22.85 0.51
CA GLU A 497 -15.18 -22.68 1.95
C GLU A 497 -14.77 -21.32 2.48
N GLN A 498 -13.80 -20.67 1.84
CA GLN A 498 -13.44 -19.29 2.15
C GLN A 498 -13.05 -19.12 3.62
N LYS A 499 -12.18 -20.02 4.08
CA LYS A 499 -11.62 -19.95 5.43
C LYS A 499 -10.61 -18.84 5.53
N TYR A 500 -10.62 -18.15 6.68
CA TYR A 500 -9.65 -17.11 6.98
C TYR A 500 -9.27 -17.18 8.47
N LEU A 501 -8.13 -16.57 8.77
CA LEU A 501 -7.55 -16.59 10.11
C LEU A 501 -7.73 -15.20 10.75
N THR A 502 -8.26 -15.16 11.97
CA THR A 502 -8.35 -13.88 12.66
C THR A 502 -7.10 -13.65 13.50
N LEU A 503 -6.60 -12.42 13.48
CA LEU A 503 -5.39 -12.07 14.24
C LEU A 503 -5.79 -11.12 15.35
N ASN A 504 -5.59 -11.56 16.59
CA ASN A 504 -5.93 -10.77 17.77
C ASN A 504 -5.09 -11.26 18.93
N THR A 505 -5.11 -10.50 20.04
CA THR A 505 -4.25 -10.91 21.15
C THR A 505 -4.85 -12.05 21.95
N GLU A 506 -6.16 -12.24 21.92
CA GLU A 506 -6.79 -13.27 22.72
C GLU A 506 -6.75 -14.62 22.03
N SER A 507 -7.71 -14.89 21.16
CA SER A 507 -7.86 -16.21 20.54
C SER A 507 -7.83 -16.07 19.03
N THR A 508 -6.81 -16.64 18.42
CA THR A 508 -6.72 -16.75 16.98
C THR A 508 -7.66 -17.84 16.49
N ARG A 509 -8.51 -17.52 15.52
CA ARG A 509 -9.63 -18.37 15.15
C ARG A 509 -9.77 -18.54 13.64
N ILE A 510 -10.24 -19.71 13.26
CA ILE A 510 -10.55 -20.03 11.87
C ILE A 510 -12.04 -19.75 11.67
N MET A 511 -12.34 -18.88 10.71
N MET A 511 -12.34 -18.84 10.75
CA MET A 511 -13.69 -18.47 10.40
CA MET A 511 -13.70 -18.47 10.41
C MET A 511 -13.88 -18.56 8.88
C MET A 511 -13.89 -18.63 8.90
N THR A 512 -15.14 -18.47 8.44
CA THR A 512 -15.47 -18.63 7.04
C THR A 512 -16.33 -17.50 6.51
N LYS A 513 -16.13 -17.18 5.22
CA LYS A 513 -17.05 -16.31 4.46
C LYS A 513 -17.19 -14.93 5.12
N LEU A 514 -16.06 -14.26 5.26
CA LEU A 514 -16.00 -12.91 5.81
C LEU A 514 -16.92 -11.97 5.04
N ARG A 515 -17.75 -11.22 5.77
CA ARG A 515 -18.62 -10.19 5.17
C ARG A 515 -19.44 -10.73 4.02
N ALA A 516 -19.93 -11.97 4.16
CA ALA A 516 -20.59 -12.64 3.04
C ALA A 516 -21.71 -11.77 2.43
N GLN A 517 -22.65 -11.33 3.27
CA GLN A 517 -23.80 -10.59 2.75
C GLN A 517 -23.37 -9.24 2.17
N GLN A 518 -22.48 -8.53 2.86
CA GLN A 518 -22.04 -7.22 2.38
C GLN A 518 -21.32 -7.32 1.04
N CYS A 519 -20.45 -8.33 0.89
CA CYS A 519 -19.67 -8.40 -0.34
C CYS A 519 -20.49 -8.89 -1.53
N ARG A 520 -21.54 -9.67 -1.29
CA ARG A 520 -22.45 -9.96 -2.40
C ARG A 520 -23.10 -8.68 -2.93
N PHE A 521 -23.42 -7.75 -2.02
CA PHE A 521 -23.95 -6.46 -2.48
C PHE A 521 -22.92 -5.70 -3.30
N TRP A 522 -21.70 -5.52 -2.75
CA TRP A 522 -20.70 -4.70 -3.42
C TRP A 522 -20.16 -5.37 -4.69
N THR A 523 -20.03 -6.69 -4.67
CA THR A 523 -19.33 -7.34 -5.77
C THR A 523 -20.27 -7.72 -6.89
N SER A 524 -21.51 -8.08 -6.56
CA SER A 524 -22.44 -8.61 -7.55
C SER A 524 -23.54 -7.66 -7.91
N PHE A 525 -23.95 -6.75 -7.03
CA PHE A 525 -25.00 -5.82 -7.39
C PHE A 525 -24.50 -4.41 -7.67
N PHE A 526 -23.76 -3.81 -6.75
CA PHE A 526 -23.42 -2.40 -6.89
C PHE A 526 -22.68 -2.03 -8.17
N PRO A 527 -21.81 -2.86 -8.77
CA PRO A 527 -21.21 -2.48 -10.06
C PRO A 527 -22.19 -2.26 -11.18
N LYS A 528 -23.46 -2.66 -11.01
CA LYS A 528 -24.44 -2.44 -12.06
C LYS A 528 -25.01 -1.03 -12.02
N VAL A 529 -25.01 -0.38 -10.86
CA VAL A 529 -25.69 0.90 -10.73
C VAL A 529 -24.92 2.00 -11.46
C1 NAG B . 31.84 8.69 3.41
C2 NAG B . 32.42 10.08 3.10
C3 NAG B . 33.92 10.14 3.40
C4 NAG B . 34.23 9.60 4.79
C5 NAG B . 33.63 8.20 4.92
C6 NAG B . 33.86 7.57 6.27
C7 NAG B . 31.52 11.52 1.32
C8 NAG B . 31.37 11.71 -0.16
N2 NAG B . 32.18 10.42 1.70
O3 NAG B . 34.36 11.49 3.31
O4 NAG B . 35.64 9.55 5.01
O5 NAG B . 32.21 8.29 4.74
O6 NAG B . 33.35 8.38 7.32
O7 NAG B . 31.06 12.32 2.13
C1 FUC B . 33.63 7.77 8.59
C2 FUC B . 33.91 8.92 9.54
C3 FUC B . 32.70 9.88 9.54
C4 FUC B . 31.35 9.13 9.78
C5 FUC B . 31.28 7.79 8.98
C6 FUC B . 30.18 6.83 9.48
O2 FUC B . 35.12 9.61 9.23
O3 FUC B . 32.86 10.89 10.56
O4 FUC B . 31.13 8.89 11.17
O5 FUC B . 32.53 7.04 9.02
C1 NAG C . -18.46 16.31 16.76
C2 NAG C . -19.92 16.75 16.99
C3 NAG C . -20.53 17.33 15.71
C4 NAG C . -19.61 18.35 15.06
C5 NAG C . -18.24 17.72 14.86
C6 NAG C . -17.24 18.66 14.25
C7 NAG C . -20.85 15.31 18.74
C8 NAG C . -21.70 14.11 19.03
N2 NAG C . -20.71 15.64 17.45
O3 NAG C . -21.80 17.90 16.02
O4 NAG C . -20.15 18.69 13.79
O5 NAG C . -17.72 17.35 16.15
O6 NAG C . -17.14 19.82 15.05
O7 NAG C . -20.32 15.97 19.63
C1 NAG C . -20.49 20.08 13.70
C2 NAG C . -20.50 20.40 12.22
C3 NAG C . -20.90 21.86 11.99
C4 NAG C . -22.21 22.17 12.70
C5 NAG C . -22.15 21.75 14.17
C6 NAG C . -23.48 21.87 14.88
C7 NAG C . -19.05 19.29 10.58
C8 NAG C . -20.30 18.68 10.04
N2 NAG C . -19.21 20.12 11.62
O3 NAG C . -21.04 22.06 10.59
O4 NAG C . -22.51 23.56 12.60
O5 NAG C . -21.76 20.37 14.27
O6 NAG C . -24.20 20.64 14.83
O7 NAG C . -17.95 19.06 10.09
C1 FUC C . -15.76 20.04 15.38
C2 FUC C . -15.52 21.39 14.80
C3 FUC C . -16.67 22.25 15.30
C4 FUC C . -16.56 22.45 16.84
C5 FUC C . -16.07 21.17 17.61
C6 FUC C . -14.99 21.51 18.64
O2 FUC C . -15.50 21.33 13.37
O3 FUC C . -16.66 23.53 14.65
O4 FUC C . -15.68 23.53 17.15
O5 FUC C . -15.53 20.03 16.79
C1 NAG D . -13.40 16.81 -17.06
C2 NAG D . -14.47 16.63 -15.98
C3 NAG D . -15.60 17.61 -16.23
C4 NAG D . -15.06 19.03 -16.16
C5 NAG D . -13.83 19.24 -17.07
C6 NAG D . -13.08 20.50 -16.72
C7 NAG D . -15.55 14.57 -16.83
C8 NAG D . -15.97 13.17 -16.46
N2 NAG D . -14.94 15.26 -15.86
O3 NAG D . -16.63 17.41 -15.27
O4 NAG D . -16.07 19.95 -16.55
O5 NAG D . -12.87 18.16 -16.97
O6 NAG D . -12.89 20.59 -15.31
O7 NAG D . -15.77 15.04 -17.94
C1 NAG D . -16.65 20.64 -15.42
C2 NAG D . -17.18 22.00 -15.88
C3 NAG D . -17.82 22.73 -14.72
C4 NAG D . -18.93 21.88 -14.12
C5 NAG D . -18.37 20.51 -13.73
C6 NAG D . -19.45 19.54 -13.27
C7 NAG D . -15.89 22.81 -17.79
C8 NAG D . -14.76 23.69 -18.25
N2 NAG D . -16.13 22.81 -16.47
O3 NAG D . -18.36 23.97 -15.17
O4 NAG D . -19.51 22.52 -12.99
O5 NAG D . -17.73 19.88 -14.85
O6 NAG D . -19.34 18.29 -13.94
O7 NAG D . -16.53 22.12 -18.58
C1 FUC D . -12.79 21.97 -14.85
C2 FUC D . -13.03 22.01 -13.31
C3 FUC D . -11.88 21.27 -12.57
C4 FUC D . -10.52 21.86 -12.96
C5 FUC D . -10.39 21.95 -14.51
C6 FUC D . -9.17 22.74 -14.97
O2 FUC D . -14.32 21.51 -12.92
O3 FUC D . -12.00 21.42 -11.15
O4 FUC D . -10.35 23.13 -12.37
O5 FUC D . -11.54 22.54 -15.15
C1 NAG E . 20.67 -19.87 -2.73
C2 NAG E . 21.91 -20.52 -3.36
C3 NAG E . 21.63 -20.88 -4.82
C4 NAG E . 20.40 -21.75 -4.92
C5 NAG E . 19.21 -21.04 -4.25
C6 NAG E . 17.94 -21.86 -4.22
C7 NAG E . 23.98 -19.77 -2.26
C8 NAG E . 23.76 -20.86 -1.26
N2 NAG E . 23.08 -19.66 -3.24
O3 NAG E . 22.75 -21.53 -5.39
O4 NAG E . 20.09 -22.05 -6.29
O5 NAG E . 19.53 -20.74 -2.89
O6 NAG E . 16.89 -21.18 -3.55
O7 NAG E . 24.95 -19.02 -2.18
C1 NAG F . 4.62 18.32 -32.22
C2 NAG F . 6.01 18.01 -31.61
C3 NAG F . 6.81 17.10 -32.55
C4 NAG F . 6.00 15.89 -32.98
C5 NAG F . 4.65 16.32 -33.54
C6 NAG F . 3.74 15.18 -33.88
C7 NAG F . 7.90 19.29 -30.65
C8 NAG F . 8.50 20.66 -30.49
N2 NAG F . 6.74 19.24 -31.35
O3 NAG F . 8.01 16.67 -31.92
O4 NAG F . 6.71 15.17 -33.98
O5 NAG F . 3.96 17.11 -32.55
O6 NAG F . 2.38 15.59 -33.96
O7 NAG F . 8.42 18.28 -30.19
C1 NAG G . 7.22 -19.28 21.40
C2 NAG G . 7.60 -17.89 20.86
C3 NAG G . 8.78 -17.30 21.65
C4 NAG G . 8.48 -17.31 23.15
C5 NAG G . 8.19 -18.75 23.58
C6 NAG G . 7.85 -18.87 25.06
C7 NAG G . 7.16 -17.38 18.49
C8 NAG G . 7.67 -17.51 17.09
N2 NAG G . 7.93 -17.93 19.45
O3 NAG G . 9.02 -15.97 21.22
O4 NAG G . 9.58 -16.79 23.90
O5 NAG G . 7.06 -19.23 22.85
O6 NAG G . 7.37 -20.17 25.39
O7 NAG G . 6.11 -16.81 18.75
S DMS H . -1.25 4.32 4.14
O DMS H . 0.03 5.08 4.29
C1 DMS H . -1.82 3.81 5.79
C2 DMS H . -2.55 5.56 3.90
C03 S6Q I . -8.87 5.71 -0.48
C04 S6Q I . -9.42 6.93 -0.96
C05 S6Q I . -10.74 7.35 -0.72
C06 S6Q I . -11.60 6.56 0.03
C07 S6Q I . -11.12 5.33 0.50
C08 S6Q I . -9.80 4.92 0.25
C10 S6Q I . -5.58 5.83 1.34
C11 S6Q I . -4.72 6.78 1.85
C12 S6Q I . -4.63 7.87 0.93
C13 S6Q I . -3.90 9.12 0.91
C15 S6Q I . -3.19 9.10 3.25
C16 S6Q I . -2.80 10.23 4.24
C18 S6Q I . -2.89 8.40 5.97
C19 S6Q I . -3.70 7.84 7.11
C20 S6Q I . -4.25 8.74 8.04
C21 S6Q I . -5.01 8.25 9.10
C22 S6Q I . -5.23 6.90 9.26
C23 S6Q I . -4.70 5.99 8.34
C24 S6Q I . -3.94 6.47 7.27
C25 S6Q I . -4.11 9.91 -0.20
C26 S6Q I . -4.97 9.53 -1.23
C27 S6Q I . -5.68 8.35 -1.24
C28 S6Q I . -5.49 7.51 -0.13
N09 S6Q I . -6.12 6.24 0.08
N17 S6Q I . -3.07 9.82 5.64
O01 S6Q I . -6.95 3.93 -0.41
O14 S6Q I . -3.03 9.54 1.91
O29 S6Q I . -7.02 5.56 -2.17
S02 S6Q I . -7.24 5.26 -0.82
S DMS J . -2.91 -19.15 18.90
O DMS J . -2.62 -19.47 17.48
C1 DMS J . -2.82 -17.36 19.19
C2 DMS J . -4.62 -19.53 19.37
C1 SIA K . 23.61 16.00 3.85
C2 SIA K . 23.26 16.85 2.55
C3 SIA K . 22.70 15.96 1.42
C4 SIA K . 21.19 16.10 1.21
C5 SIA K . 20.95 17.60 1.06
C6 SIA K . 21.00 18.14 2.51
C7 SIA K . 20.68 19.65 2.73
C8 SIA K . 21.44 20.29 3.93
C9 SIA K . 20.91 21.69 4.30
C10 SIA K . 18.52 17.87 0.09
C11 SIA K . 17.91 18.39 -1.21
N5 SIA K . 19.88 17.96 0.11
O1A SIA K . 24.66 15.30 3.84
O1B SIA K . 22.75 16.13 4.76
O2 SIA K . 24.42 17.46 2.12
O4 SIA K . 20.65 15.39 0.08
O6 SIA K . 22.35 17.97 2.96
O7 SIA K . 20.91 20.37 1.52
O8 SIA K . 21.45 19.45 5.10
O9 SIA K . 19.59 21.59 4.83
O10 SIA K . 17.80 17.44 0.98
S SO4 L . 0.84 -23.86 -4.70
O1 SO4 L . 2.26 -24.07 -4.96
O2 SO4 L . 0.51 -22.40 -4.69
O3 SO4 L . 0.53 -24.44 -3.40
O4 SO4 L . 0.06 -24.55 -5.73
S SO4 M . -35.43 9.20 3.86
O1 SO4 M . -35.35 10.41 3.05
O2 SO4 M . -34.42 9.25 4.91
O3 SO4 M . -36.74 9.10 4.54
O4 SO4 M . -35.22 8.03 3.00
S SO4 N . 12.47 -15.61 -8.72
O1 SO4 N . 13.75 -16.27 -8.89
O2 SO4 N . 12.72 -14.26 -8.19
O3 SO4 N . 11.78 -15.50 -9.99
O4 SO4 N . 11.65 -16.38 -7.78
O1 MES O . -20.05 -11.20 8.40
C2 MES O . -18.79 -11.84 8.69
C3 MES O . -17.74 -10.78 9.00
N4 MES O . -18.27 -10.01 10.13
C5 MES O . -19.64 -9.50 10.05
C6 MES O . -20.07 -9.79 8.61
C7 MES O . -17.40 -9.68 11.26
C8 MES O . -18.05 -8.48 11.92
S MES O . -16.99 -7.41 12.68
O1S MES O . -15.61 -7.96 12.73
O2S MES O . -17.02 -6.13 11.92
O3S MES O . -17.45 -7.13 14.05
C1 GOL P . 10.89 8.56 13.81
O1 GOL P . 11.54 7.34 13.47
C2 GOL P . 10.51 9.21 12.44
O2 GOL P . 9.32 9.94 12.51
C3 GOL P . 11.74 10.06 12.02
O3 GOL P . 11.52 11.37 12.46
C1 GOL Q . 22.51 8.77 0.07
O1 GOL Q . 21.49 8.97 -0.85
C2 GOL Q . 21.83 8.43 1.40
O2 GOL Q . 22.74 8.10 2.38
C3 GOL Q . 20.99 9.70 1.76
O3 GOL Q . 21.08 10.64 0.69
C1 GOL R . 18.25 4.11 11.69
O1 GOL R . 18.03 5.41 11.24
C2 GOL R . 16.88 3.45 11.70
O2 GOL R . 16.60 2.82 12.90
C3 GOL R . 16.84 2.54 10.41
O3 GOL R . 16.82 1.20 10.81
C1 GOL S . 1.01 4.68 16.12
O1 GOL S . 0.97 3.52 15.44
C2 GOL S . 1.60 4.23 17.43
O2 GOL S . 2.25 5.27 18.12
C3 GOL S . 0.35 3.71 18.11
O3 GOL S . 0.22 2.38 17.73
C1 GOL T . -34.58 5.53 11.04
O1 GOL T . -33.81 6.55 11.62
C2 GOL T . -33.76 4.24 11.19
O2 GOL T . -34.41 3.10 10.70
C3 GOL T . -33.47 4.17 12.68
O3 GOL T . -32.76 5.31 12.97
C1 GOL U . 5.70 -15.93 -13.38
O1 GOL U . 5.69 -15.78 -14.74
C2 GOL U . 6.77 -16.99 -13.00
O2 GOL U . 6.70 -17.37 -11.63
C3 GOL U . 8.13 -16.33 -13.39
O3 GOL U . 7.88 -15.57 -14.56
C1 GOL V . -3.22 13.22 0.24
O1 GOL V . -3.07 13.60 -1.11
C2 GOL V . -2.80 14.42 1.16
O2 GOL V . -3.55 15.60 0.90
C3 GOL V . -3.10 13.92 2.58
O3 GOL V . -2.23 12.82 2.82
C1 GOL W . -10.99 6.41 -9.75
O1 GOL W . -12.16 7.18 -9.70
C2 GOL W . -9.86 7.38 -9.48
O2 GOL W . -10.17 8.26 -8.45
C3 GOL W . -8.63 6.48 -9.15
O3 GOL W . -7.56 7.08 -9.80
#